data_4HPU
#
_entry.id   4HPU
#
_cell.length_a   57.690
_cell.length_b   79.800
_cell.length_c   98.140
_cell.angle_alpha   90.00
_cell.angle_beta   90.00
_cell.angle_gamma   90.00
#
_symmetry.space_group_name_H-M   'P 21 21 21'
#
loop_
_entity.id
_entity.type
_entity.pdbx_description
1 polymer 'cAMP-dependent protein kinase catalytic subunit alpha'
2 polymer 'cAMP-dependent protein kinase inhibitor alpha'
3 non-polymer 'MYRISTIC ACID'
4 non-polymer 'PHOSPHOAMINOPHOSPHONIC ACID-ADENYLATE ESTER'
5 non-polymer 'MAGNESIUM ION'
6 water water
#
loop_
_entity_poly.entity_id
_entity_poly.type
_entity_poly.pdbx_seq_one_letter_code
_entity_poly.pdbx_strand_id
1 'polypeptide(L)'
;GNAAAAKKGSEQESVKEFLAKAKEDFLKKWETPSQNTAQLDQFDRIKTLGTGSFGRVMLVKHKESGNHYAMKILDKQKVV
KLKQIEHTLNEKRILQAVNFPFLVKLEFSFKDNSNLYMVMEYVAGGEMFSHLRRIGRF(SEP)EPHARFYAAQIVLTFEY
LHSLDLIYRDLKPENLLIDQQGYIQVTDFGFAKRVKGRTW(TPO)LCGTPEYLAPEIILSKGYNKAVDWWALGVLIYEMA
AGYPPFFADQPIQIYEKIVSGKVRFPSHFSSDLKDLLRNLLQVDLTKRFGNLKNGVNDIKNHKWFATTDWIAIYQRKVEA
PFIPKFKGPGDTSNFDDYEEEEIRV(SEP)INEKCGKEFTEF
;
E
2 'polypeptide(L)' TTYADFIASGRTGRRA(SEP)IHD I
#
loop_
_chem_comp.id
_chem_comp.type
_chem_comp.name
_chem_comp.formula
ANP non-polymer 'PHOSPHOAMINOPHOSPHONIC ACID-ADENYLATE ESTER' 'C10 H17 N6 O12 P3'
MG non-polymer 'MAGNESIUM ION' 'Mg 2'
MYR non-polymer 'MYRISTIC ACID' 'C14 H28 O2'
#
# COMPACT_ATOMS: atom_id res chain seq x y z
N GLN A 12 -17.42 -20.06 -3.59
CA GLN A 12 -17.31 -20.17 -2.11
C GLN A 12 -16.39 -21.32 -1.70
N GLU A 13 -16.56 -22.47 -2.34
CA GLU A 13 -15.76 -23.67 -2.07
C GLU A 13 -14.35 -23.55 -2.66
N SER A 14 -14.26 -22.98 -3.86
CA SER A 14 -12.99 -22.76 -4.54
C SER A 14 -12.09 -21.76 -3.77
N VAL A 15 -12.70 -20.69 -3.28
CA VAL A 15 -12.01 -19.67 -2.48
C VAL A 15 -11.46 -20.25 -1.17
N LYS A 16 -12.29 -21.00 -0.45
CA LYS A 16 -11.91 -21.61 0.83
C LYS A 16 -10.66 -22.48 0.67
N GLU A 17 -10.65 -23.32 -0.37
CA GLU A 17 -9.49 -24.17 -0.67
C GLU A 17 -8.28 -23.37 -1.11
N PHE A 18 -8.50 -22.39 -1.98
CA PHE A 18 -7.44 -21.49 -2.42
C PHE A 18 -6.74 -20.86 -1.21
N LEU A 19 -7.53 -20.38 -0.26
CA LEU A 19 -6.97 -19.67 0.89
C LEU A 19 -6.22 -20.59 1.85
N ALA A 20 -6.74 -21.81 2.03
CA ALA A 20 -6.06 -22.82 2.82
C ALA A 20 -4.65 -23.10 2.30
N LYS A 21 -4.52 -23.31 0.99
CA LYS A 21 -3.21 -23.55 0.38
C LYS A 21 -2.32 -22.32 0.46
N ALA A 22 -2.92 -21.15 0.27
CA ALA A 22 -2.18 -19.91 0.33
C ALA A 22 -1.55 -19.73 1.70
N LYS A 23 -2.28 -20.11 2.75
CA LYS A 23 -1.77 -20.01 4.11
C LYS A 23 -0.62 -20.99 4.36
N GLU A 24 -0.75 -22.21 3.85
CA GLU A 24 0.32 -23.21 3.95
C GLU A 24 1.61 -22.65 3.31
N ASP A 25 1.47 -22.07 2.13
CA ASP A 25 2.63 -21.50 1.45
C ASP A 25 3.24 -20.33 2.23
N PHE A 26 2.37 -19.43 2.69
CA PHE A 26 2.82 -18.28 3.47
C PHE A 26 3.54 -18.69 4.74
N LEU A 27 2.96 -19.63 5.49
CA LEU A 27 3.54 -20.00 6.78
C LEU A 27 4.92 -20.63 6.65
N LYS A 28 5.16 -21.40 5.59
CA LYS A 28 6.51 -21.95 5.36
C LYS A 28 7.55 -20.83 5.24
N LYS A 29 7.22 -19.79 4.48
CA LYS A 29 8.15 -18.68 4.30
C LYS A 29 8.23 -17.76 5.51
N TRP A 30 7.09 -17.61 6.21
CA TRP A 30 7.05 -16.83 7.45
C TRP A 30 7.97 -17.45 8.51
N GLU A 31 7.94 -18.79 8.57
CA GLU A 31 8.73 -19.52 9.56
CA GLU A 31 8.73 -19.52 9.56
C GLU A 31 10.22 -19.61 9.23
N THR A 32 10.54 -19.68 7.93
CA THR A 32 11.93 -19.73 7.50
C THR A 32 12.17 -18.73 6.37
N PRO A 33 12.36 -17.44 6.74
CA PRO A 33 12.45 -16.41 5.70
C PRO A 33 13.70 -16.50 4.86
N SER A 34 13.58 -16.05 3.61
CA SER A 34 14.72 -15.89 2.71
CA SER A 34 14.76 -15.94 2.76
C SER A 34 15.62 -14.77 3.24
N GLN A 35 16.92 -14.92 3.07
CA GLN A 35 17.87 -13.90 3.50
C GLN A 35 19.02 -13.84 2.52
N ASN A 36 19.54 -12.63 2.31
CA ASN A 36 20.86 -12.47 1.68
C ASN A 36 20.91 -13.04 0.26
N THR A 37 19.94 -12.64 -0.56
CA THR A 37 19.77 -13.25 -1.88
C THR A 37 20.38 -12.41 -3.03
N ALA A 38 21.04 -11.31 -2.68
CA ALA A 38 21.82 -10.53 -3.64
C ALA A 38 22.85 -9.70 -2.90
N GLN A 39 23.59 -8.86 -3.62
CA GLN A 39 24.49 -7.89 -2.99
C GLN A 39 24.54 -6.63 -3.83
N LEU A 40 25.01 -5.54 -3.24
CA LEU A 40 24.91 -4.23 -3.87
C LEU A 40 25.61 -4.14 -5.23
N ASP A 41 26.77 -4.76 -5.34
CA ASP A 41 27.52 -4.64 -6.58
C ASP A 41 26.99 -5.51 -7.73
N GLN A 42 25.86 -6.17 -7.50
CA GLN A 42 25.19 -6.88 -8.60
C GLN A 42 24.29 -5.96 -9.42
N PHE A 43 24.16 -4.70 -8.98
CA PHE A 43 23.25 -3.75 -9.64
C PHE A 43 23.96 -2.44 -9.95
N ASP A 44 23.53 -1.82 -11.04
CA ASP A 44 23.86 -0.45 -11.33
C ASP A 44 22.66 0.41 -10.99
N ARG A 45 22.90 1.42 -10.15
CA ARG A 45 21.80 2.30 -9.69
C ARG A 45 21.60 3.43 -10.69
N ILE A 46 20.35 3.63 -11.09
CA ILE A 46 20.07 4.52 -12.22
C ILE A 46 19.44 5.84 -11.79
N LYS A 47 18.32 5.78 -11.08
CA LYS A 47 17.50 6.97 -10.84
C LYS A 47 16.58 6.73 -9.67
N THR A 48 16.31 7.77 -8.88
CA THR A 48 15.34 7.66 -7.78
C THR A 48 13.90 7.72 -8.29
N LEU A 49 13.09 6.76 -7.84
CA LEU A 49 11.68 6.62 -8.21
C LEU A 49 10.75 7.26 -7.18
N GLY A 50 11.20 7.31 -5.93
CA GLY A 50 10.41 7.88 -4.82
C GLY A 50 11.26 7.96 -3.58
N THR A 51 11.04 8.99 -2.75
CA THR A 51 11.82 9.16 -1.50
C THR A 51 10.92 9.11 -0.27
N GLY A 52 11.52 8.80 0.86
CA GLY A 52 10.79 8.63 2.12
C GLY A 52 11.67 8.89 3.33
N SER A 53 11.15 8.62 4.53
CA SER A 53 11.83 9.01 5.75
C SER A 53 13.14 8.28 6.07
N PHE A 54 13.26 7.00 5.67
CA PHE A 54 14.49 6.25 5.96
C PHE A 54 15.41 6.07 4.75
N GLY A 55 15.01 6.60 3.59
N GLY A 55 14.96 6.63 3.63
CA GLY A 55 15.82 6.43 2.37
CA GLY A 55 15.64 6.46 2.36
C GLY A 55 15.10 6.75 1.08
C GLY A 55 14.66 6.41 1.21
N ARG A 56 15.12 5.81 0.13
CA ARG A 56 14.50 6.00 -1.17
C ARG A 56 14.33 4.67 -1.92
N VAL A 57 13.56 4.72 -3.01
CA VAL A 57 13.45 3.58 -3.91
C VAL A 57 14.09 4.01 -5.22
N MET A 58 15.02 3.21 -5.72
CA MET A 58 15.74 3.54 -6.95
C MET A 58 15.49 2.51 -8.04
N LEU A 59 15.41 3.00 -9.27
CA LEU A 59 15.48 2.12 -10.43
C LEU A 59 16.93 1.64 -10.51
N VAL A 60 17.08 0.32 -10.62
CA VAL A 60 18.40 -0.29 -10.79
C VAL A 60 18.36 -1.30 -11.94
N LYS A 61 19.55 -1.61 -12.49
CA LYS A 61 19.69 -2.65 -13.48
C LYS A 61 20.59 -3.74 -12.92
N HIS A 62 20.09 -4.97 -12.93
CA HIS A 62 20.83 -6.12 -12.46
C HIS A 62 21.80 -6.52 -13.57
N LYS A 63 23.08 -6.58 -13.23
CA LYS A 63 24.13 -6.74 -14.25
C LYS A 63 24.06 -8.05 -15.00
N GLU A 64 23.93 -9.17 -14.27
CA GLU A 64 23.99 -10.48 -14.91
C GLU A 64 22.75 -10.82 -15.75
N SER A 65 21.60 -10.31 -15.37
CA SER A 65 20.36 -10.59 -16.12
C SER A 65 20.00 -9.49 -17.10
N GLY A 66 20.43 -8.27 -16.83
CA GLY A 66 19.97 -7.11 -17.59
C GLY A 66 18.60 -6.57 -17.17
N ASN A 67 17.94 -7.25 -16.23
CA ASN A 67 16.61 -6.84 -15.78
C ASN A 67 16.65 -5.57 -14.94
N HIS A 68 15.59 -4.77 -15.05
CA HIS A 68 15.41 -3.63 -14.13
C HIS A 68 14.59 -4.06 -12.94
N TYR A 69 14.87 -3.40 -11.83
CA TYR A 69 14.20 -3.62 -10.55
C TYR A 69 14.07 -2.30 -9.80
N ALA A 70 13.26 -2.31 -8.74
CA ALA A 70 13.13 -1.15 -7.89
C ALA A 70 13.75 -1.49 -6.54
N MET A 71 14.81 -0.77 -6.16
CA MET A 71 15.56 -1.10 -4.95
C MET A 71 15.19 -0.12 -3.85
N LYS A 72 14.52 -0.63 -2.82
CA LYS A 72 14.25 0.19 -1.63
C LYS A 72 15.46 0.11 -0.73
N ILE A 73 15.99 1.28 -0.38
CA ILE A 73 17.19 1.41 0.45
C ILE A 73 16.80 2.10 1.77
N LEU A 74 17.07 1.42 2.88
CA LEU A 74 16.78 1.97 4.21
C LEU A 74 18.06 2.10 4.99
N ASP A 75 18.31 3.32 5.48
CA ASP A 75 19.47 3.60 6.31
C ASP A 75 19.23 3.02 7.71
N LYS A 76 20.05 2.05 8.13
CA LYS A 76 19.84 1.40 9.44
C LYS A 76 19.81 2.39 10.59
N GLN A 77 20.68 3.39 10.55
CA GLN A 77 20.76 4.36 11.65
C GLN A 77 19.49 5.20 11.76
N LYS A 78 18.91 5.55 10.62
CA LYS A 78 17.65 6.30 10.59
C LYS A 78 16.52 5.43 11.10
N VAL A 79 16.51 4.16 10.70
CA VAL A 79 15.49 3.21 11.18
C VAL A 79 15.52 3.13 12.70
N VAL A 80 16.72 2.98 13.26
CA VAL A 80 16.88 2.88 14.70
C VAL A 80 16.46 4.19 15.41
N LYS A 81 16.87 5.34 14.86
CA LYS A 81 16.53 6.64 15.44
C LYS A 81 15.01 6.88 15.50
N LEU A 82 14.29 6.41 14.49
CA LEU A 82 12.84 6.60 14.43
C LEU A 82 12.06 5.45 15.11
N LYS A 83 12.80 4.56 15.79
CA LYS A 83 12.24 3.42 16.52
C LYS A 83 11.42 2.50 15.62
N GLN A 84 11.95 2.27 14.43
CA GLN A 84 11.27 1.49 13.40
C GLN A 84 11.90 0.12 13.18
N ILE A 85 12.69 -0.38 14.12
CA ILE A 85 13.35 -1.68 13.90
C ILE A 85 12.33 -2.79 13.65
N GLU A 86 11.41 -2.96 14.58
CA GLU A 86 10.42 -4.03 14.46
C GLU A 86 9.56 -3.86 13.21
N HIS A 87 9.14 -2.63 12.92
CA HIS A 87 8.36 -2.43 11.69
C HIS A 87 9.14 -2.82 10.44
N THR A 88 10.43 -2.52 10.41
CA THR A 88 11.23 -2.83 9.23
CA THR A 88 11.20 -2.84 9.21
C THR A 88 11.45 -4.35 9.10
N LEU A 89 11.65 -5.01 10.24
CA LEU A 89 11.75 -6.46 10.23
C LEU A 89 10.43 -7.09 9.79
N ASN A 90 9.30 -6.54 10.26
CA ASN A 90 7.97 -6.97 9.80
C ASN A 90 7.84 -6.84 8.29
N GLU A 91 8.19 -5.66 7.78
CA GLU A 91 8.05 -5.34 6.36
C GLU A 91 8.71 -6.39 5.48
N LYS A 92 9.97 -6.68 5.77
CA LYS A 92 10.69 -7.63 4.94
C LYS A 92 10.23 -9.08 5.18
N ARG A 93 9.95 -9.46 6.43
CA ARG A 93 9.55 -10.83 6.71
C ARG A 93 8.21 -11.15 6.03
N ILE A 94 7.31 -10.17 6.05
CA ILE A 94 6.01 -10.36 5.45
C ILE A 94 6.10 -10.31 3.93
N LEU A 95 6.79 -9.31 3.39
CA LEU A 95 6.81 -9.19 1.94
C LEU A 95 7.49 -10.38 1.25
N GLN A 96 8.54 -10.94 1.87
CA GLN A 96 9.18 -12.14 1.28
C GLN A 96 8.28 -13.39 1.33
N ALA A 97 7.23 -13.38 2.15
CA ALA A 97 6.40 -14.56 2.35
C ALA A 97 5.09 -14.58 1.57
N VAL A 98 4.66 -13.41 1.09
CA VAL A 98 3.36 -13.31 0.43
C VAL A 98 3.45 -13.55 -1.07
N ASN A 99 2.30 -13.88 -1.66
CA ASN A 99 2.16 -14.19 -3.07
C ASN A 99 0.73 -13.95 -3.48
N PHE A 100 0.50 -12.88 -4.25
CA PHE A 100 -0.86 -12.56 -4.72
C PHE A 100 -0.75 -11.69 -5.95
N PRO A 101 -1.72 -11.78 -6.88
CA PRO A 101 -1.56 -11.08 -8.16
C PRO A 101 -1.41 -9.57 -8.07
N PHE A 102 -1.85 -8.96 -6.96
CA PHE A 102 -1.81 -7.50 -6.82
C PHE A 102 -0.82 -7.01 -5.77
N LEU A 103 0.08 -7.90 -5.34
CA LEU A 103 1.14 -7.55 -4.40
C LEU A 103 2.44 -7.53 -5.13
N VAL A 104 3.19 -6.45 -4.99
CA VAL A 104 4.52 -6.37 -5.62
C VAL A 104 5.39 -7.53 -5.14
N LYS A 105 6.16 -8.11 -6.06
CA LYS A 105 7.07 -9.19 -5.71
C LYS A 105 8.43 -8.70 -5.21
N LEU A 106 8.86 -9.23 -4.08
CA LEU A 106 10.23 -9.04 -3.58
C LEU A 106 11.14 -10.06 -4.26
N GLU A 107 12.07 -9.58 -5.08
CA GLU A 107 12.97 -10.46 -5.82
C GLU A 107 14.25 -10.80 -5.08
N PHE A 108 14.77 -9.84 -4.34
CA PHE A 108 15.98 -10.03 -3.53
C PHE A 108 15.92 -9.19 -2.29
N SER A 109 16.65 -9.58 -1.25
CA SER A 109 16.90 -8.68 -0.13
C SER A 109 18.28 -8.95 0.39
N PHE A 110 18.87 -7.93 1.00
CA PHE A 110 20.19 -8.07 1.60
C PHE A 110 20.50 -6.83 2.42
N LYS A 111 21.70 -6.84 3.05
CA LYS A 111 22.06 -5.71 3.90
C LYS A 111 23.55 -5.56 3.80
N ASP A 112 24.02 -4.36 4.10
CA ASP A 112 25.46 -4.14 4.24
C ASP A 112 25.76 -3.38 5.52
N ASN A 113 26.95 -2.82 5.64
CA ASN A 113 27.30 -2.14 6.89
C ASN A 113 26.33 -1.03 7.27
N SER A 114 25.79 -0.34 6.26
CA SER A 114 25.01 0.86 6.49
C SER A 114 23.51 0.70 6.26
N ASN A 115 23.14 -0.09 5.26
CA ASN A 115 21.77 -0.06 4.78
C ASN A 115 21.10 -1.44 4.72
N LEU A 116 19.78 -1.41 4.64
CA LEU A 116 18.96 -2.56 4.28
C LEU A 116 18.45 -2.35 2.88
N TYR A 117 18.30 -3.44 2.13
CA TYR A 117 17.85 -3.37 0.74
C TYR A 117 16.76 -4.38 0.46
N MET A 118 15.68 -3.90 -0.15
CA MET A 118 14.58 -4.75 -0.63
C MET A 118 14.44 -4.46 -2.12
N VAL A 119 14.74 -5.46 -2.92
CA VAL A 119 14.73 -5.26 -4.36
C VAL A 119 13.47 -5.93 -4.92
N MET A 120 12.57 -5.09 -5.45
CA MET A 120 11.29 -5.53 -5.97
C MET A 120 11.24 -5.52 -7.48
N GLU A 121 10.24 -6.21 -8.04
CA GLU A 121 9.89 -6.02 -9.45
CA GLU A 121 9.88 -6.02 -9.44
C GLU A 121 9.65 -4.52 -9.70
N TYR A 122 10.18 -4.00 -10.80
CA TYR A 122 9.95 -2.60 -11.16
C TYR A 122 8.60 -2.47 -11.84
N VAL A 123 7.71 -1.67 -11.21
CA VAL A 123 6.38 -1.44 -11.74
C VAL A 123 6.37 -0.07 -12.41
N ALA A 124 6.44 -0.10 -13.74
CA ALA A 124 6.80 1.07 -14.52
C ALA A 124 5.69 2.10 -14.75
N GLY A 125 4.45 1.74 -14.40
CA GLY A 125 3.32 2.61 -14.71
C GLY A 125 3.16 3.79 -13.79
N GLY A 126 3.95 3.83 -12.71
CA GLY A 126 3.94 4.93 -11.76
C GLY A 126 2.93 4.75 -10.63
N GLU A 127 2.91 5.69 -9.70
CA GLU A 127 1.91 5.66 -8.61
C GLU A 127 0.53 5.99 -9.13
N MET A 128 -0.47 5.31 -8.57
CA MET A 128 -1.85 5.72 -8.81
C MET A 128 -1.99 7.21 -8.51
N PHE A 129 -1.33 7.66 -7.44
CA PHE A 129 -1.37 9.05 -6.99
C PHE A 129 -1.14 10.05 -8.13
N SER A 130 -0.10 9.84 -8.92
CA SER A 130 0.23 10.83 -9.96
CA SER A 130 0.26 10.77 -9.99
C SER A 130 -0.85 10.91 -11.02
N HIS A 131 -1.36 9.78 -11.46
CA HIS A 131 -2.44 9.74 -12.45
C HIS A 131 -3.69 10.38 -11.89
N LEU A 132 -4.00 10.06 -10.64
CA LEU A 132 -5.20 10.58 -10.01
C LEU A 132 -5.17 12.10 -9.88
N ARG A 133 -4.02 12.64 -9.45
CA ARG A 133 -3.91 14.07 -9.31
C ARG A 133 -3.95 14.79 -10.65
N ARG A 134 -3.27 14.23 -11.65
CA ARG A 134 -3.21 14.83 -12.99
C ARG A 134 -4.57 14.83 -13.69
N ILE A 135 -5.22 13.66 -13.73
CA ILE A 135 -6.52 13.51 -14.38
C ILE A 135 -7.60 14.22 -13.54
N GLY A 136 -7.42 14.25 -12.23
CA GLY A 136 -8.37 14.93 -11.35
C GLY A 136 -9.14 13.95 -10.49
N ARG A 137 -9.89 13.08 -11.13
CA ARG A 137 -10.61 11.98 -10.46
C ARG A 137 -10.83 10.85 -11.46
N PHE A 138 -11.21 9.69 -10.96
CA PHE A 138 -11.52 8.53 -11.78
C PHE A 138 -13.03 8.35 -11.85
N SEP A 139 -13.54 7.89 -12.98
CA SEP A 139 -14.96 7.56 -13.05
CB SEP A 139 -15.32 7.16 -14.48
OG SEP A 139 -14.74 5.93 -14.83
C SEP A 139 -15.25 6.42 -12.11
O SEP A 139 -14.34 5.70 -11.69
P SEP A 139 -14.78 5.91 -16.45
O1P SEP A 139 -13.57 6.78 -17.08
O2P SEP A 139 -14.62 4.40 -16.93
O3P SEP A 139 -16.20 6.45 -16.99
N GLU A 140 -16.52 6.21 -11.81
CA GLU A 140 -16.87 5.11 -10.92
C GLU A 140 -16.42 3.71 -11.43
N PRO A 141 -16.61 3.40 -12.73
CA PRO A 141 -16.10 2.10 -13.16
C PRO A 141 -14.58 1.95 -13.05
N HIS A 142 -13.85 3.03 -13.30
CA HIS A 142 -12.39 3.05 -13.17
C HIS A 142 -11.98 2.83 -11.71
N ALA A 143 -12.60 3.58 -10.81
CA ALA A 143 -12.33 3.44 -9.37
C ALA A 143 -12.72 2.05 -8.89
N ARG A 144 -13.82 1.52 -9.39
CA ARG A 144 -14.31 0.21 -8.98
C ARG A 144 -13.37 -0.91 -9.40
N PHE A 145 -12.77 -0.79 -10.60
CA PHE A 145 -11.77 -1.74 -11.10
C PHE A 145 -10.60 -1.84 -10.11
N TYR A 146 -10.09 -0.69 -9.67
CA TYR A 146 -8.99 -0.68 -8.70
C TYR A 146 -9.47 -1.17 -7.33
N ALA A 147 -10.65 -0.70 -6.90
CA ALA A 147 -11.17 -1.10 -5.59
C ALA A 147 -11.34 -2.60 -5.46
N ALA A 148 -11.79 -3.27 -6.52
CA ALA A 148 -11.97 -4.72 -6.51
C ALA A 148 -10.65 -5.43 -6.21
N GLN A 149 -9.57 -4.95 -6.83
CA GLN A 149 -8.26 -5.54 -6.58
C GLN A 149 -7.84 -5.39 -5.12
N ILE A 150 -8.12 -4.23 -4.52
CA ILE A 150 -7.78 -4.02 -3.11
C ILE A 150 -8.63 -4.92 -2.19
N VAL A 151 -9.93 -5.05 -2.51
CA VAL A 151 -10.82 -5.92 -1.73
C VAL A 151 -10.24 -7.35 -1.71
N LEU A 152 -9.84 -7.85 -2.87
CA LEU A 152 -9.29 -9.21 -2.95
C LEU A 152 -7.96 -9.30 -2.21
N THR A 153 -7.12 -8.27 -2.34
CA THR A 153 -5.82 -8.25 -1.67
C THR A 153 -5.99 -8.30 -0.16
N PHE A 154 -6.94 -7.52 0.37
CA PHE A 154 -7.19 -7.54 1.80
C PHE A 154 -7.83 -8.86 2.26
N GLU A 155 -8.70 -9.43 1.44
CA GLU A 155 -9.22 -10.75 1.79
C GLU A 155 -8.04 -11.73 1.95
N TYR A 156 -7.08 -11.66 1.03
CA TYR A 156 -5.88 -12.51 1.08
C TYR A 156 -5.03 -12.22 2.32
N LEU A 157 -4.65 -10.95 2.49
CA LEU A 157 -3.76 -10.59 3.61
C LEU A 157 -4.40 -10.88 4.95
N HIS A 158 -5.68 -10.54 5.10
CA HIS A 158 -6.35 -10.76 6.39
C HIS A 158 -6.47 -12.23 6.74
N SER A 159 -6.57 -13.08 5.72
CA SER A 159 -6.68 -14.54 5.93
C SER A 159 -5.40 -15.11 6.55
N LEU A 160 -4.29 -14.38 6.37
CA LEU A 160 -2.97 -14.77 6.88
C LEU A 160 -2.69 -14.08 8.20
N ASP A 161 -3.72 -13.45 8.76
CA ASP A 161 -3.62 -12.69 10.02
C ASP A 161 -2.75 -11.44 9.87
N LEU A 162 -2.71 -10.90 8.65
CA LEU A 162 -1.95 -9.70 8.38
C LEU A 162 -2.84 -8.48 8.36
N ILE A 163 -2.32 -7.37 8.87
CA ILE A 163 -2.96 -6.06 8.73
CA ILE A 163 -2.97 -6.07 8.67
C ILE A 163 -1.99 -5.24 7.87
N TYR A 164 -2.50 -4.50 6.89
CA TYR A 164 -1.63 -3.79 5.97
C TYR A 164 -1.24 -2.39 6.45
N ARG A 165 -2.23 -1.58 6.80
CA ARG A 165 -2.01 -0.34 7.58
C ARG A 165 -1.40 0.87 6.86
N ASP A 166 -1.26 0.82 5.53
CA ASP A 166 -0.87 2.05 4.83
C ASP A 166 -1.47 2.14 3.41
N LEU A 167 -2.74 1.86 3.28
CA LEU A 167 -3.39 2.03 1.97
C LEU A 167 -3.47 3.50 1.58
N LYS A 168 -3.00 3.81 0.37
CA LYS A 168 -3.09 5.17 -0.19
C LYS A 168 -2.57 5.12 -1.61
N PRO A 169 -2.99 6.09 -2.44
CA PRO A 169 -2.57 6.08 -3.85
C PRO A 169 -1.06 6.11 -4.08
N GLU A 170 -0.31 6.74 -3.16
CA GLU A 170 1.15 6.78 -3.25
C GLU A 170 1.79 5.39 -3.14
N ASN A 171 1.07 4.46 -2.49
CA ASN A 171 1.59 3.11 -2.25
C ASN A 171 0.99 2.09 -3.23
N LEU A 172 0.28 2.56 -4.25
CA LEU A 172 -0.32 1.68 -5.26
C LEU A 172 0.25 2.00 -6.62
N LEU A 173 0.87 1.01 -7.23
CA LEU A 173 1.53 1.20 -8.51
C LEU A 173 0.69 0.60 -9.60
N ILE A 174 0.75 1.20 -10.79
CA ILE A 174 0.02 0.67 -11.96
C ILE A 174 0.99 -0.08 -12.85
N ASP A 175 0.67 -1.34 -13.14
CA ASP A 175 1.57 -2.17 -13.94
C ASP A 175 1.30 -1.99 -15.43
N GLN A 176 2.05 -2.74 -16.24
CA GLN A 176 2.01 -2.55 -17.68
C GLN A 176 0.69 -3.02 -18.30
N GLN A 177 -0.10 -3.77 -17.53
CA GLN A 177 -1.43 -4.20 -17.95
C GLN A 177 -2.54 -3.34 -17.34
N GLY A 178 -2.15 -2.32 -16.58
CA GLY A 178 -3.13 -1.40 -15.98
C GLY A 178 -3.70 -1.87 -14.65
N TYR A 179 -3.15 -2.94 -14.11
CA TYR A 179 -3.57 -3.48 -12.82
C TYR A 179 -2.70 -2.92 -11.69
N ILE A 180 -3.20 -3.06 -10.48
CA ILE A 180 -2.52 -2.56 -9.27
C ILE A 180 -1.46 -3.53 -8.75
N GLN A 181 -0.35 -2.96 -8.31
CA GLN A 181 0.64 -3.64 -7.49
C GLN A 181 0.78 -2.84 -6.20
N VAL A 182 0.39 -3.43 -5.09
CA VAL A 182 0.56 -2.80 -3.78
C VAL A 182 2.02 -2.89 -3.38
N THR A 183 2.58 -1.74 -2.99
CA THR A 183 3.92 -1.67 -2.45
C THR A 183 3.89 -1.15 -1.00
N ASP A 184 5.06 -1.00 -0.38
CA ASP A 184 5.20 -0.41 0.97
C ASP A 184 4.51 -1.21 2.06
N PHE A 185 5.17 -2.27 2.49
CA PHE A 185 4.70 -3.08 3.60
C PHE A 185 5.32 -2.59 4.93
N GLY A 186 5.72 -1.32 4.96
CA GLY A 186 6.36 -0.76 6.14
C GLY A 186 5.62 -0.92 7.46
N PHE A 187 4.28 -0.90 7.40
CA PHE A 187 3.50 -1.03 8.62
C PHE A 187 2.73 -2.34 8.69
N ALA A 188 2.99 -3.26 7.75
CA ALA A 188 2.32 -4.55 7.77
C ALA A 188 2.71 -5.34 9.00
N LYS A 189 1.76 -6.09 9.57
CA LYS A 189 2.02 -6.75 10.84
C LYS A 189 1.17 -8.01 10.92
N ARG A 190 1.77 -9.08 11.42
CA ARG A 190 1.02 -10.32 11.66
C ARG A 190 0.56 -10.34 13.10
N VAL A 191 -0.76 -10.24 13.28
CA VAL A 191 -1.31 -10.08 14.61
C VAL A 191 -2.65 -10.77 14.69
N LYS A 192 -2.82 -11.55 15.75
CA LYS A 192 -4.07 -12.26 15.98
C LYS A 192 -4.98 -11.55 16.97
N GLY A 193 -4.40 -10.74 17.85
CA GLY A 193 -5.24 -9.89 18.71
C GLY A 193 -5.37 -8.49 18.17
N ARG A 194 -5.64 -7.56 19.06
CA ARG A 194 -5.66 -6.16 18.67
C ARG A 194 -4.24 -5.62 18.78
N THR A 195 -4.02 -4.47 18.17
CA THR A 195 -2.74 -3.80 18.24
C THR A 195 -2.95 -2.30 18.48
N TRP A 196 -1.87 -1.55 18.76
CA TRP A 196 -2.02 -0.19 19.28
C TRP A 196 -1.22 0.89 18.59
N TPO A 197 -0.33 0.54 17.65
CA TPO A 197 0.64 1.52 17.14
CB TPO A 197 1.69 0.91 16.24
CG2 TPO A 197 2.75 1.93 15.82
OG1 TPO A 197 2.33 -0.16 16.94
P TPO A 197 2.19 -1.68 16.41
O1P TPO A 197 3.01 -1.78 15.16
O2P TPO A 197 0.72 -1.87 16.26
O3P TPO A 197 2.83 -2.52 17.53
C TPO A 197 -0.07 2.60 16.35
O TPO A 197 -0.88 2.30 15.48
N LEU A 198 0.23 3.85 16.67
CA LEU A 198 -0.25 4.96 15.86
C LEU A 198 0.64 5.05 14.61
N CYS A 199 0.14 4.53 13.51
CA CYS A 199 0.88 4.56 12.25
C CYS A 199 -0.10 4.50 11.08
N GLY A 200 0.39 4.89 9.91
CA GLY A 200 -0.42 4.99 8.70
C GLY A 200 -0.10 6.30 8.03
N THR A 201 -1.09 6.86 7.35
CA THR A 201 -0.98 8.19 6.75
C THR A 201 -2.21 8.96 7.22
N PRO A 202 -2.05 10.23 7.64
CA PRO A 202 -3.14 10.90 8.36
C PRO A 202 -4.54 10.80 7.75
N GLU A 203 -4.65 11.11 6.45
CA GLU A 203 -5.96 11.11 5.77
C GLU A 203 -6.68 9.76 5.82
N TYR A 204 -5.90 8.69 5.97
CA TYR A 204 -6.38 7.31 5.86
C TYR A 204 -6.60 6.62 7.21
N LEU A 205 -6.27 7.29 8.31
CA LEU A 205 -6.40 6.68 9.65
C LEU A 205 -7.85 6.49 10.09
N ALA A 206 -8.16 5.28 10.54
CA ALA A 206 -9.48 5.01 11.12
C ALA A 206 -9.59 5.70 12.49
N PRO A 207 -10.81 6.04 12.92
CA PRO A 207 -10.95 6.79 14.18
C PRO A 207 -10.36 6.05 15.37
N GLU A 208 -10.46 4.72 15.39
CA GLU A 208 -9.95 3.94 16.52
C GLU A 208 -8.42 3.97 16.63
N ILE A 209 -7.74 4.24 15.52
CA ILE A 209 -6.28 4.44 15.58
C ILE A 209 -6.00 5.76 16.28
N ILE A 210 -6.68 6.81 15.83
CA ILE A 210 -6.50 8.18 16.38
C ILE A 210 -6.79 8.24 17.87
N LEU A 211 -7.81 7.50 18.30
CA LEU A 211 -8.30 7.60 19.68
C LEU A 211 -7.57 6.64 20.61
N SER A 212 -6.47 6.07 20.11
CA SER A 212 -5.56 5.24 20.92
C SER A 212 -6.32 4.11 21.57
N LYS A 213 -7.34 3.68 20.85
CA LYS A 213 -8.01 2.45 21.11
C LYS A 213 -7.10 1.42 20.45
N GLY A 214 -7.15 0.22 20.99
CA GLY A 214 -6.67 -0.94 20.29
C GLY A 214 -7.49 -1.00 19.02
N TYR A 215 -6.94 -1.66 18.03
CA TYR A 215 -7.66 -1.82 16.79
C TYR A 215 -7.24 -3.10 16.09
N ASN A 216 -7.99 -3.46 15.05
CA ASN A 216 -7.73 -4.68 14.32
C ASN A 216 -7.81 -4.44 12.82
N LYS A 217 -7.98 -5.52 12.06
CA LYS A 217 -7.96 -5.43 10.59
CA LYS A 217 -7.98 -5.45 10.59
C LYS A 217 -9.05 -4.53 10.02
N ALA A 218 -10.05 -4.20 10.83
CA ALA A 218 -11.11 -3.29 10.39
C ALA A 218 -10.60 -1.94 9.94
N VAL A 219 -9.40 -1.56 10.39
CA VAL A 219 -8.82 -0.28 9.96
C VAL A 219 -8.50 -0.27 8.47
N ASP A 220 -8.20 -1.44 7.92
CA ASP A 220 -7.92 -1.56 6.47
C ASP A 220 -9.19 -1.31 5.66
N TRP A 221 -10.32 -1.79 6.18
CA TRP A 221 -11.60 -1.59 5.51
C TRP A 221 -12.04 -0.12 5.55
N TRP A 222 -11.78 0.56 6.68
CA TRP A 222 -11.96 2.02 6.74
C TRP A 222 -11.09 2.69 5.67
N ALA A 223 -9.81 2.31 5.62
CA ALA A 223 -8.90 2.93 4.66
C ALA A 223 -9.38 2.68 3.23
N LEU A 224 -9.97 1.52 2.97
CA LEU A 224 -10.56 1.28 1.64
C LEU A 224 -11.63 2.31 1.33
N GLY A 225 -12.48 2.61 2.31
CA GLY A 225 -13.47 3.68 2.14
C GLY A 225 -12.83 4.99 1.75
N VAL A 226 -11.75 5.36 2.45
CA VAL A 226 -11.07 6.61 2.13
C VAL A 226 -10.53 6.56 0.70
N LEU A 227 -9.92 5.43 0.32
CA LEU A 227 -9.34 5.29 -1.03
C LEU A 227 -10.38 5.41 -2.11
N ILE A 228 -11.50 4.71 -1.94
CA ILE A 228 -12.56 4.74 -2.95
C ILE A 228 -13.10 6.17 -3.06
N TYR A 229 -13.33 6.81 -1.93
CA TYR A 229 -13.77 8.21 -1.95
C TYR A 229 -12.75 9.08 -2.69
N GLU A 230 -11.47 8.98 -2.34
CA GLU A 230 -10.49 9.83 -2.99
C GLU A 230 -10.38 9.56 -4.50
N MET A 231 -10.41 8.29 -4.88
CA MET A 231 -10.38 7.95 -6.31
C MET A 231 -11.53 8.56 -7.06
N ALA A 232 -12.73 8.47 -6.48
CA ALA A 232 -13.93 8.92 -7.20
C ALA A 232 -14.18 10.43 -7.10
N ALA A 233 -13.71 11.06 -6.02
CA ALA A 233 -13.91 12.49 -5.81
C ALA A 233 -12.76 13.32 -6.35
N GLY A 234 -11.55 12.78 -6.25
CA GLY A 234 -10.33 13.52 -6.56
C GLY A 234 -9.72 14.21 -5.36
N TYR A 235 -10.38 14.12 -4.21
CA TYR A 235 -9.85 14.65 -2.95
C TYR A 235 -10.33 13.72 -1.83
N PRO A 236 -9.63 13.70 -0.68
CA PRO A 236 -10.05 12.79 0.39
C PRO A 236 -11.30 13.27 1.14
N PRO A 237 -11.99 12.35 1.85
CA PRO A 237 -13.19 12.72 2.60
C PRO A 237 -12.88 13.62 3.80
N PHE A 238 -11.64 13.57 4.29
CA PHE A 238 -11.19 14.38 5.44
C PHE A 238 -9.85 15.00 5.09
N PHE A 239 -9.84 16.29 4.79
CA PHE A 239 -8.61 16.98 4.43
C PHE A 239 -8.53 18.34 5.13
N ALA A 240 -7.30 18.76 5.38
CA ALA A 240 -7.01 20.06 5.97
C ALA A 240 -5.54 20.38 5.76
N ASP A 241 -5.06 21.47 6.35
CA ASP A 241 -3.67 21.83 6.18
C ASP A 241 -2.70 21.05 7.07
N GLN A 242 -3.18 20.63 8.24
CA GLN A 242 -2.37 19.94 9.24
C GLN A 242 -3.04 18.64 9.70
N PRO A 243 -2.22 17.62 10.03
CA PRO A 243 -2.79 16.35 10.49
C PRO A 243 -3.77 16.48 11.66
N ILE A 244 -3.48 17.33 12.65
CA ILE A 244 -4.39 17.49 13.79
C ILE A 244 -5.81 17.85 13.37
N GLN A 245 -5.94 18.74 12.38
CA GLN A 245 -7.23 19.16 11.84
C GLN A 245 -7.91 18.03 11.08
N ILE A 246 -7.12 17.21 10.40
CA ILE A 246 -7.63 16.01 9.72
C ILE A 246 -8.23 15.04 10.75
N TYR A 247 -7.50 14.80 11.84
CA TYR A 247 -7.96 13.86 12.86
C TYR A 247 -9.28 14.29 13.50
N GLU A 248 -9.40 15.58 13.77
CA GLU A 248 -10.63 16.16 14.29
C GLU A 248 -11.81 15.85 13.35
N LYS A 249 -11.58 15.96 12.04
CA LYS A 249 -12.64 15.64 11.08
C LYS A 249 -12.97 14.16 11.01
N ILE A 250 -11.94 13.31 11.04
CA ILE A 250 -12.15 11.85 11.04
C ILE A 250 -12.99 11.40 12.23
N VAL A 251 -12.65 11.89 13.41
CA VAL A 251 -13.33 11.52 14.66
C VAL A 251 -14.76 12.05 14.74
N SER A 252 -15.00 13.24 14.17
CA SER A 252 -16.36 13.77 14.03
C SER A 252 -17.18 12.77 13.23
N GLY A 253 -16.53 12.23 12.18
CA GLY A 253 -17.09 11.16 11.36
C GLY A 253 -17.97 11.62 10.23
N LYS A 254 -18.35 12.89 10.24
CA LYS A 254 -19.27 13.43 9.22
C LYS A 254 -18.59 13.45 7.85
N VAL A 255 -19.26 12.84 6.87
CA VAL A 255 -18.72 12.78 5.51
C VAL A 255 -19.75 13.40 4.56
N ARG A 256 -19.25 14.23 3.66
CA ARG A 256 -20.08 14.81 2.60
C ARG A 256 -19.59 14.26 1.28
N PHE A 257 -20.51 14.07 0.35
CA PHE A 257 -20.19 13.43 -0.92
C PHE A 257 -20.38 14.39 -2.09
N PRO A 258 -19.53 14.27 -3.12
CA PRO A 258 -19.72 15.06 -4.34
C PRO A 258 -21.10 14.80 -4.96
N SER A 259 -21.59 15.82 -5.67
CA SER A 259 -22.89 15.72 -6.32
CA SER A 259 -22.86 15.76 -6.37
C SER A 259 -22.96 14.60 -7.35
N HIS A 260 -21.82 14.22 -7.92
CA HIS A 260 -21.81 13.20 -8.97
C HIS A 260 -21.72 11.77 -8.44
N PHE A 261 -21.52 11.59 -7.13
CA PHE A 261 -21.44 10.22 -6.59
C PHE A 261 -22.80 9.51 -6.78
N SER A 262 -22.75 8.29 -7.27
CA SER A 262 -23.97 7.47 -7.37
C SER A 262 -24.54 7.18 -5.99
N SER A 263 -25.84 6.91 -5.93
CA SER A 263 -26.46 6.49 -4.67
C SER A 263 -25.80 5.22 -4.11
N ASP A 264 -25.48 4.27 -5.00
CA ASP A 264 -24.79 3.03 -4.62
C ASP A 264 -23.41 3.31 -4.01
N LEU A 265 -22.65 4.22 -4.60
CA LEU A 265 -21.34 4.59 -4.05
C LEU A 265 -21.48 5.19 -2.66
N LYS A 266 -22.41 6.13 -2.51
CA LYS A 266 -22.59 6.75 -1.21
C LYS A 266 -22.98 5.72 -0.16
N ASP A 267 -23.84 4.78 -0.53
CA ASP A 267 -24.23 3.75 0.44
C ASP A 267 -23.04 2.89 0.85
N LEU A 268 -22.26 2.45 -0.13
CA LEU A 268 -21.05 1.67 0.17
C LEU A 268 -20.14 2.46 1.11
N LEU A 269 -19.91 3.74 0.79
CA LEU A 269 -18.98 4.54 1.59
C LEU A 269 -19.47 4.82 3.01
N ARG A 270 -20.78 5.04 3.20
CA ARG A 270 -21.33 5.20 4.55
C ARG A 270 -21.08 3.95 5.41
N ASN A 271 -21.05 2.79 4.77
CA ASN A 271 -20.81 1.53 5.47
C ASN A 271 -19.32 1.21 5.69
N LEU A 272 -18.45 1.80 4.86
CA LEU A 272 -17.01 1.64 5.05
C LEU A 272 -16.46 2.69 6.00
N LEU A 273 -16.88 3.94 5.79
CA LEU A 273 -16.46 5.06 6.65
C LEU A 273 -17.39 5.13 7.85
N GLN A 274 -17.48 4.02 8.54
CA GLN A 274 -18.37 3.84 9.67
C GLN A 274 -17.55 3.81 10.96
N VAL A 275 -17.78 4.78 11.85
CA VAL A 275 -17.07 4.82 13.13
C VAL A 275 -17.42 3.60 14.01
N ASP A 276 -18.67 3.16 13.96
CA ASP A 276 -19.15 2.03 14.77
C ASP A 276 -18.65 0.70 14.19
N LEU A 277 -17.75 0.04 14.93
CA LEU A 277 -17.15 -1.23 14.53
CA LEU A 277 -17.16 -1.21 14.49
C LEU A 277 -18.17 -2.35 14.35
N THR A 278 -19.27 -2.29 15.09
CA THR A 278 -20.31 -3.31 14.96
C THR A 278 -21.13 -3.13 13.68
N LYS A 279 -20.83 -2.06 12.94
CA LYS A 279 -21.58 -1.72 11.74
C LYS A 279 -20.69 -1.56 10.51
N ARG A 280 -19.38 -1.57 10.69
CA ARG A 280 -18.47 -1.33 9.56
C ARG A 280 -18.34 -2.54 8.64
N PHE A 281 -18.60 -2.33 7.35
CA PHE A 281 -18.46 -3.39 6.36
C PHE A 281 -17.04 -3.95 6.36
N GLY A 282 -16.96 -5.26 6.23
CA GLY A 282 -15.70 -5.96 6.31
C GLY A 282 -15.48 -6.50 7.71
N ASN A 283 -16.24 -6.01 8.68
CA ASN A 283 -16.06 -6.36 10.09
C ASN A 283 -17.29 -7.06 10.70
N LEU A 284 -18.29 -7.31 9.86
CA LEU A 284 -19.53 -7.92 10.33
C LEU A 284 -19.44 -9.45 10.23
N LYS A 285 -20.52 -10.14 10.61
CA LYS A 285 -20.54 -11.60 10.54
C LYS A 285 -20.14 -12.16 9.17
N ASN A 286 -20.64 -11.53 8.10
CA ASN A 286 -20.40 -11.99 6.74
C ASN A 286 -19.07 -11.54 6.13
N GLY A 287 -18.30 -10.78 6.91
CA GLY A 287 -16.94 -10.40 6.52
C GLY A 287 -16.87 -9.64 5.21
N VAL A 288 -15.91 -10.02 4.38
CA VAL A 288 -15.68 -9.35 3.10
C VAL A 288 -16.87 -9.50 2.15
N ASN A 289 -17.71 -10.49 2.35
CA ASN A 289 -18.84 -10.69 1.46
C ASN A 289 -19.86 -9.53 1.46
N ASP A 290 -19.96 -8.81 2.58
CA ASP A 290 -20.82 -7.63 2.62
C ASP A 290 -20.36 -6.60 1.60
N ILE A 291 -19.04 -6.51 1.40
CA ILE A 291 -18.49 -5.61 0.40
C ILE A 291 -18.66 -6.17 -1.00
N LYS A 292 -18.27 -7.43 -1.21
CA LYS A 292 -18.31 -8.01 -2.56
C LYS A 292 -19.71 -8.08 -3.13
N ASN A 293 -20.69 -8.20 -2.24
CA ASN A 293 -22.09 -8.35 -2.63
C ASN A 293 -22.86 -7.05 -2.63
N HIS A 294 -22.18 -5.95 -2.31
CA HIS A 294 -22.83 -4.64 -2.32
C HIS A 294 -23.20 -4.25 -3.76
N LYS A 295 -24.32 -3.53 -3.90
CA LYS A 295 -24.81 -3.07 -5.21
C LYS A 295 -23.77 -2.33 -6.05
N TRP A 296 -22.87 -1.59 -5.40
CA TRP A 296 -21.87 -0.85 -6.17
C TRP A 296 -20.95 -1.79 -6.96
N PHE A 297 -20.76 -2.99 -6.42
CA PHE A 297 -19.92 -3.99 -7.05
C PHE A 297 -20.71 -5.02 -7.88
N ALA A 298 -21.99 -4.74 -8.14
CA ALA A 298 -22.81 -5.70 -8.90
C ALA A 298 -22.23 -6.13 -10.27
N THR A 299 -21.53 -5.22 -10.94
CA THR A 299 -20.97 -5.48 -12.27
C THR A 299 -19.61 -6.14 -12.19
N THR A 300 -19.10 -6.34 -10.98
CA THR A 300 -17.75 -6.89 -10.79
C THR A 300 -17.72 -8.41 -10.85
N ASP A 301 -16.94 -8.95 -11.79
CA ASP A 301 -16.66 -10.37 -11.87
C ASP A 301 -15.39 -10.64 -11.07
N TRP A 302 -15.58 -11.05 -9.82
CA TRP A 302 -14.47 -11.18 -8.85
C TRP A 302 -13.36 -12.15 -9.31
N ILE A 303 -13.75 -13.30 -9.83
CA ILE A 303 -12.77 -14.26 -10.36
C ILE A 303 -12.05 -13.70 -11.60
N ALA A 304 -12.77 -12.98 -12.45
CA ALA A 304 -12.14 -12.39 -13.65
C ALA A 304 -11.13 -11.32 -13.25
N ILE A 305 -11.43 -10.54 -12.20
CA ILE A 305 -10.44 -9.61 -11.66
C ILE A 305 -9.20 -10.35 -11.14
N TYR A 306 -9.42 -11.38 -10.32
CA TYR A 306 -8.34 -12.18 -9.76
C TYR A 306 -7.44 -12.74 -10.88
N GLN A 307 -8.07 -13.22 -11.95
CA GLN A 307 -7.36 -13.82 -13.08
C GLN A 307 -6.80 -12.79 -14.07
N ARG A 308 -7.06 -11.51 -13.79
CA ARG A 308 -6.58 -10.40 -14.61
C ARG A 308 -7.11 -10.45 -16.05
N LYS A 309 -8.35 -10.88 -16.18
CA LYS A 309 -8.98 -11.03 -17.50
C LYS A 309 -9.85 -9.83 -17.87
N VAL A 310 -10.03 -8.91 -16.93
CA VAL A 310 -10.84 -7.72 -17.16
C VAL A 310 -9.99 -6.66 -17.89
N GLU A 311 -10.57 -6.01 -18.91
CA GLU A 311 -9.87 -4.94 -19.61
C GLU A 311 -9.70 -3.74 -18.68
N ALA A 312 -8.45 -3.30 -18.50
CA ALA A 312 -8.16 -2.16 -17.63
C ALA A 312 -8.69 -0.87 -18.25
N PRO A 313 -9.13 0.07 -17.41
CA PRO A 313 -9.64 1.36 -17.92
C PRO A 313 -8.53 2.23 -18.51
N PHE A 314 -7.31 1.98 -18.07
CA PHE A 314 -6.20 2.88 -18.29
C PHE A 314 -4.92 2.06 -18.39
N ILE A 315 -4.17 2.25 -19.48
CA ILE A 315 -2.90 1.54 -19.69
C ILE A 315 -1.79 2.59 -19.81
N PRO A 316 -0.86 2.62 -18.84
CA PRO A 316 0.13 3.68 -18.86
C PRO A 316 1.07 3.57 -20.06
N LYS A 317 1.61 4.71 -20.48
CA LYS A 317 2.58 4.77 -21.57
C LYS A 317 3.90 4.16 -21.14
N PHE A 318 4.41 3.23 -21.93
CA PHE A 318 5.73 2.64 -21.69
C PHE A 318 6.57 2.74 -22.94
N LYS A 319 7.75 3.35 -22.83
CA LYS A 319 8.64 3.56 -23.96
C LYS A 319 9.59 2.38 -24.15
N GLY A 320 9.93 1.73 -23.04
CA GLY A 320 10.81 0.57 -23.07
C GLY A 320 11.37 0.25 -21.70
N PRO A 321 12.31 -0.71 -21.64
CA PRO A 321 12.94 -1.06 -20.38
C PRO A 321 13.67 0.15 -19.82
N GLY A 322 13.43 0.41 -18.54
CA GLY A 322 14.11 1.46 -17.81
C GLY A 322 13.46 2.83 -17.88
N ASP A 323 12.33 2.93 -18.60
CA ASP A 323 11.59 4.18 -18.74
C ASP A 323 10.99 4.59 -17.39
N THR A 324 11.27 5.81 -16.96
CA THR A 324 10.71 6.33 -15.70
C THR A 324 9.76 7.52 -15.91
N SER A 325 9.24 7.67 -17.13
CA SER A 325 8.40 8.83 -17.49
CA SER A 325 8.45 8.86 -17.44
C SER A 325 7.16 8.96 -16.62
N ASN A 326 6.71 7.83 -16.06
CA ASN A 326 5.50 7.85 -15.21
C ASN A 326 5.76 8.24 -13.75
N PHE A 327 7.01 8.57 -13.44
CA PHE A 327 7.41 8.98 -12.09
C PHE A 327 7.93 10.41 -12.09
N ASP A 328 7.66 11.12 -11.00
CA ASP A 328 8.32 12.39 -10.73
C ASP A 328 9.83 12.22 -10.64
N ASP A 329 10.56 13.31 -10.85
CA ASP A 329 12.00 13.31 -10.65
C ASP A 329 12.32 13.72 -9.22
N TYR A 330 13.41 13.18 -8.69
CA TYR A 330 13.87 13.45 -7.34
C TYR A 330 15.33 13.82 -7.35
N GLU A 331 15.73 14.58 -6.34
CA GLU A 331 17.15 14.88 -6.10
C GLU A 331 17.88 13.59 -5.75
N GLU A 332 19.02 13.39 -6.39
CA GLU A 332 19.83 12.20 -6.16
C GLU A 332 20.84 12.43 -5.03
N GLU A 333 21.19 11.36 -4.34
CA GLU A 333 22.08 11.42 -3.18
C GLU A 333 23.02 10.22 -3.26
N GLU A 334 24.26 10.41 -2.84
CA GLU A 334 25.23 9.32 -2.81
C GLU A 334 24.77 8.23 -1.84
N ILE A 335 24.91 6.97 -2.25
CA ILE A 335 24.68 5.81 -1.38
C ILE A 335 25.98 5.46 -0.69
N ARG A 336 26.11 5.89 0.57
CA ARG A 336 27.31 5.65 1.37
C ARG A 336 27.25 4.31 2.10
N VAL A 337 28.39 3.62 2.15
CA VAL A 337 28.50 2.40 2.93
C VAL A 337 29.75 2.51 3.79
N SEP A 338 29.54 2.58 5.10
CA SEP A 338 30.63 2.71 6.06
CB SEP A 338 30.03 3.00 7.44
OG SEP A 338 30.99 2.94 8.48
C SEP A 338 31.50 1.45 6.07
O SEP A 338 31.04 0.37 5.68
P SEP A 338 31.59 4.39 8.91
O1P SEP A 338 30.52 5.54 8.68
O2P SEP A 338 31.98 4.22 10.45
O3P SEP A 338 32.90 4.59 8.02
N ILE A 339 32.75 1.59 6.48
CA ILE A 339 33.61 0.42 6.65
C ILE A 339 33.36 -0.26 7.99
N ASN A 340 32.52 0.37 8.81
CA ASN A 340 32.10 -0.21 10.08
C ASN A 340 30.64 -0.62 10.02
N GLU A 341 30.37 -1.81 10.54
CA GLU A 341 28.99 -2.32 10.58
C GLU A 341 28.14 -1.54 11.58
N LYS A 342 26.98 -1.09 11.12
CA LYS A 342 26.04 -0.39 11.99
C LYS A 342 24.88 -1.29 12.34
N CYS A 343 24.53 -1.35 13.62
CA CYS A 343 23.30 -2.02 14.06
C CYS A 343 23.20 -3.48 13.63
N GLY A 344 24.32 -4.20 13.70
CA GLY A 344 24.36 -5.58 13.23
C GLY A 344 23.42 -6.52 13.97
N LYS A 345 23.45 -6.46 15.29
CA LYS A 345 22.62 -7.38 16.09
C LYS A 345 21.15 -7.10 15.87
N GLU A 346 20.80 -5.82 15.82
CA GLU A 346 19.40 -5.40 15.65
C GLU A 346 18.74 -5.99 14.42
N PHE A 347 19.52 -6.09 13.34
CA PHE A 347 19.01 -6.53 12.06
C PHE A 347 19.49 -7.92 11.65
N THR A 348 19.93 -8.71 12.62
CA THR A 348 20.41 -10.06 12.39
C THR A 348 19.51 -10.88 11.46
N GLU A 349 18.19 -10.81 11.68
CA GLU A 349 17.28 -11.66 10.93
C GLU A 349 16.95 -11.14 9.52
N PHE A 350 17.33 -9.90 9.22
CA PHE A 350 16.99 -9.33 7.94
C PHE A 350 17.77 -10.05 6.85
N THR B 1 -15.79 25.87 -3.81
CA THR B 1 -16.10 24.43 -3.98
C THR B 1 -15.12 23.64 -3.13
N THR B 2 -15.51 22.41 -2.78
CA THR B 2 -14.62 21.53 -2.01
C THR B 2 -13.33 21.27 -2.79
N TYR B 3 -13.45 21.05 -4.10
CA TYR B 3 -12.29 20.87 -4.97
C TYR B 3 -11.33 22.06 -4.86
N ALA B 4 -11.85 23.27 -4.99
CA ALA B 4 -10.99 24.45 -4.92
C ALA B 4 -10.30 24.56 -3.56
N ASP B 5 -11.02 24.23 -2.48
CA ASP B 5 -10.44 24.28 -1.16
C ASP B 5 -9.33 23.23 -1.02
N PHE B 6 -9.56 22.05 -1.58
CA PHE B 6 -8.50 21.04 -1.58
C PHE B 6 -7.26 21.51 -2.35
N ILE B 7 -7.47 22.00 -3.56
CA ILE B 7 -6.34 22.38 -4.42
C ILE B 7 -5.53 23.52 -3.85
N ALA B 8 -6.16 24.37 -3.04
CA ALA B 8 -5.49 25.49 -2.38
C ALA B 8 -4.85 25.10 -1.04
N SER B 9 -5.03 23.85 -0.63
CA SER B 9 -4.53 23.35 0.65
C SER B 9 -3.07 22.91 0.53
N GLY B 10 -2.44 22.67 1.66
CA GLY B 10 -1.02 22.31 1.65
C GLY B 10 -0.76 20.82 1.52
N ARG B 11 -1.81 20.02 1.33
CA ARG B 11 -1.63 18.56 1.29
C ARG B 11 -2.12 17.90 0.01
N THR B 12 -1.78 18.50 -1.12
CA THR B 12 -2.18 17.96 -2.43
C THR B 12 -1.06 17.15 -3.08
N GLY B 13 0.15 17.23 -2.51
CA GLY B 13 1.27 16.42 -3.01
C GLY B 13 1.35 15.08 -2.30
N ARG B 14 2.40 14.33 -2.62
CA ARG B 14 2.59 13.03 -2.00
C ARG B 14 2.65 13.14 -0.50
N ARG B 15 1.96 12.22 0.17
CA ARG B 15 1.83 12.28 1.62
C ARG B 15 2.73 11.22 2.24
N ALA B 16 3.51 11.65 3.22
CA ALA B 16 4.37 10.73 3.95
C ALA B 16 3.58 9.97 5.00
N SEP B 17 4.05 8.78 5.30
CA SEP B 17 3.53 8.03 6.43
CB SEP B 17 4.02 6.59 6.38
OG SEP B 17 5.44 6.54 6.57
C SEP B 17 3.94 8.69 7.75
O SEP B 17 4.92 9.46 7.80
P SEP B 17 6.42 6.30 5.32
O1P SEP B 17 5.92 4.99 4.54
O2P SEP B 17 6.32 7.58 4.35
O3P SEP B 17 7.93 6.11 5.86
N ILE B 18 3.19 8.39 8.80
CA ILE B 18 3.51 8.82 10.16
C ILE B 18 3.60 7.58 11.04
N HIS B 19 4.36 7.69 12.13
CA HIS B 19 4.48 6.58 13.06
C HIS B 19 4.56 7.08 14.49
C5 MYR C . -10.14 -20.83 -10.33
C6 MYR C . -10.68 -19.89 -9.25
C7 MYR C . -9.60 -19.53 -8.23
C8 MYR C . -10.18 -18.62 -7.15
C9 MYR C . -9.08 -17.81 -6.45
C10 MYR C . -9.59 -16.43 -6.04
C11 MYR C . -9.73 -16.30 -4.53
C12 MYR C . -9.20 -14.94 -4.05
C13 MYR C . -9.03 -14.93 -2.54
C14 MYR C . -8.65 -13.54 -2.04
PB ANP D . 8.39 4.22 1.84
O1B ANP D . 8.03 3.27 2.97
O2B ANP D . 9.68 5.00 1.99
N3B ANP D . 7.18 5.26 1.58
PA ANP D . 7.51 2.78 -0.53
O1A ANP D . 7.62 1.27 -0.52
O2A ANP D . 6.19 3.47 -0.37
O3A ANP D . 8.60 3.33 0.52
O5' ANP D . 8.20 3.30 -1.87
C5' ANP D . 8.35 4.71 -2.02
C4' ANP D . 7.93 5.05 -3.44
O4' ANP D . 8.78 4.35 -4.35
C3' ANP D . 6.52 4.63 -3.80
O3' ANP D . 5.53 5.56 -3.32
C2' ANP D . 6.64 4.58 -5.30
O2' ANP D . 6.80 5.89 -5.86
C1' ANP D . 8.02 3.95 -5.48
N9 ANP D . 7.97 2.47 -5.52
C8 ANP D . 7.82 1.61 -4.49
N7 ANP D . 7.86 0.32 -4.93
C5 ANP D . 8.06 0.38 -6.26
C6 ANP D . 8.21 -0.59 -7.35
N6 ANP D . 8.15 -1.93 -7.13
N1 ANP D . 8.40 -0.11 -8.60
C2 ANP D . 8.46 1.21 -8.87
N3 ANP D . 8.35 2.16 -7.93
C4 ANP D . 8.15 1.79 -6.64
MG MG E . 6.28 3.09 4.20
MG MG F . 5.03 4.74 0.88
PG ANP G . 5.86 6.07 3.04
O1G ANP G . 6.05 7.51 3.40
O2G ANP G . 4.61 5.84 2.21
O3G ANP G . 5.95 5.18 4.25
PB ANP G . 8.25 4.63 2.17
O1B ANP G . 7.77 3.45 2.96
O2B ANP G . 9.51 5.29 2.68
N3B ANP G . 7.08 5.74 2.01
PA ANP G . 7.76 3.24 -0.31
O1A ANP G . 7.97 1.77 -0.07
O2A ANP G . 6.35 3.77 -0.28
O3A ANP G . 8.67 4.09 0.71
O5' ANP G . 8.44 3.58 -1.71
C5' ANP G . 8.56 4.95 -2.09
C4' ANP G . 8.11 5.22 -3.53
O4' ANP G . 8.97 4.53 -4.44
C3' ANP G . 6.68 4.80 -3.90
O3' ANP G . 5.72 5.81 -3.56
C2' ANP G . 6.81 4.60 -5.40
O2' ANP G . 6.79 5.84 -6.13
C1' ANP G . 8.23 4.07 -5.57
N9 ANP G . 8.25 2.58 -5.59
C8 ANP G . 8.31 1.76 -4.50
N7 ANP G . 8.30 0.47 -4.87
C5 ANP G . 8.25 0.43 -6.22
C6 ANP G . 8.22 -0.64 -7.25
N6 ANP G . 8.24 -1.94 -6.88
N1 ANP G . 8.14 -0.26 -8.55
C2 ANP G . 8.12 1.05 -8.92
N3 ANP G . 8.15 2.06 -8.03
C4 ANP G . 8.22 1.83 -6.69
#